data_4F4J
#
_entry.id   4F4J
#
_cell.length_a   103.682
_cell.length_b   103.682
_cell.length_c   130.881
_cell.angle_alpha   90.00
_cell.angle_beta   90.00
_cell.angle_gamma   90.00
#
_symmetry.space_group_name_H-M   'P 43 21 2'
#
loop_
_entity.id
_entity.type
_entity.pdbx_description
1 polymer 'Guanylate kinase'
2 non-polymer 'SULFATE ION'
3 water water
#
_entity_poly.entity_id   1
_entity_poly.type   'polypeptide(L)'
_entity_poly.pdbx_seq_one_letter_code
;DYDIPTTENLYFQGSMSRPIVISGPSGTGKSTLLKKLFAEYPDSFGFSVPSTTRTPRAGEVNGKDYNFVSVDEFKSMIKN
NEFIEWAQFSGNYYGSTVASVKQVSKSGKTCILDIDMQGVKSVKAIPELNARFLFIAPPSVEDLKKRLEGRGTETEESIN
KRLSAAQAELAYAETGAHDKVIVNDDLDKAYKELKDFIFAEK
;
_entity_poly.pdbx_strand_id   A,B
#
loop_
_chem_comp.id
_chem_comp.type
_chem_comp.name
_chem_comp.formula
SO4 non-polymer 'SULFATE ION' 'O4 S -2'
#
# COMPACT_ATOMS: atom_id res chain seq x y z
N PHE A 12 -11.49 8.15 -29.47
CA PHE A 12 -10.46 7.04 -29.19
C PHE A 12 -9.58 6.54 -30.37
N GLN A 13 -8.24 6.55 -30.14
CA GLN A 13 -7.20 6.04 -31.09
C GLN A 13 -7.07 4.50 -30.91
N GLY A 14 -6.16 3.83 -31.62
CA GLY A 14 -5.85 2.39 -31.35
C GLY A 14 -4.91 1.82 -30.23
N SER A 15 -3.67 2.29 -30.20
CA SER A 15 -2.43 1.51 -29.73
C SER A 15 -1.26 2.00 -30.61
N MET A 16 -1.34 3.29 -30.82
CA MET A 16 -0.41 4.05 -31.55
C MET A 16 0.80 4.56 -30.78
N SER A 17 0.79 4.52 -29.45
CA SER A 17 2.03 4.74 -28.74
C SER A 17 2.46 3.46 -28.01
N ARG A 18 3.77 3.23 -27.97
CA ARG A 18 4.30 2.07 -27.31
C ARG A 18 4.40 2.41 -25.82
N PRO A 19 3.98 1.50 -24.97
CA PRO A 19 4.06 1.68 -23.52
C PRO A 19 5.52 1.62 -23.07
N ILE A 20 5.89 2.35 -22.02
CA ILE A 20 7.27 2.36 -21.61
C ILE A 20 7.41 1.77 -20.21
N VAL A 21 8.16 0.69 -20.14
CA VAL A 21 8.46 -0.01 -18.91
C VAL A 21 9.70 0.66 -18.31
N ILE A 22 9.55 1.26 -17.12
CA ILE A 22 10.76 1.75 -16.55
C ILE A 22 11.15 1.09 -15.26
N SER A 23 12.34 0.47 -15.27
CA SER A 23 12.74 -0.33 -14.12
C SER A 23 14.08 0.13 -13.60
N GLY A 24 14.48 -0.39 -12.47
CA GLY A 24 15.82 -0.18 -11.96
C GLY A 24 15.81 -0.37 -10.46
N PRO A 25 16.97 -0.71 -9.87
CA PRO A 25 17.05 -0.92 -8.43
C PRO A 25 16.34 0.17 -7.64
N SER A 26 15.52 -0.24 -6.71
CA SER A 26 15.12 0.57 -5.58
C SER A 26 16.26 1.44 -4.99
N GLY A 27 16.02 2.74 -4.86
CA GLY A 27 16.98 3.60 -4.16
C GLY A 27 17.84 4.41 -5.10
N THR A 28 17.77 4.12 -6.42
CA THR A 28 18.64 4.84 -7.34
C THR A 28 18.16 6.26 -7.68
N GLY A 29 16.93 6.63 -7.32
CA GLY A 29 16.38 7.99 -7.60
C GLY A 29 15.46 7.98 -8.84
N LYS A 30 15.06 6.79 -9.26
CA LYS A 30 14.08 6.64 -10.31
C LYS A 30 12.78 7.41 -10.03
N SER A 31 12.30 7.35 -8.79
CA SER A 31 11.00 7.95 -8.48
C SER A 31 11.07 9.46 -8.55
N THR A 32 12.23 10.00 -8.15
CA THR A 32 12.59 11.42 -8.35
C THR A 32 12.54 11.83 -9.84
N LEU A 33 13.19 11.07 -10.69
CA LEU A 33 13.13 11.26 -12.14
C LEU A 33 11.68 11.25 -12.68
N LEU A 34 10.89 10.26 -12.26
CA LEU A 34 9.50 10.17 -12.75
C LEU A 34 8.65 11.35 -12.26
N LYS A 35 8.82 11.71 -10.99
CA LYS A 35 8.15 12.89 -10.45
C LYS A 35 8.43 14.16 -11.20
N LYS A 36 9.68 14.41 -11.59
CA LYS A 36 9.97 15.62 -12.32
C LYS A 36 9.30 15.51 -13.68
N LEU A 37 9.39 14.34 -14.30
CA LEU A 37 8.85 14.12 -15.61
C LEU A 37 7.35 14.43 -15.64
N PHE A 38 6.59 13.89 -14.69
CA PHE A 38 5.13 14.11 -14.69
C PHE A 38 4.73 15.55 -14.32
N ALA A 39 5.61 16.25 -13.60
CA ALA A 39 5.38 17.64 -13.25
C ALA A 39 5.63 18.51 -14.48
N GLU A 40 6.64 18.17 -15.27
CA GLU A 40 6.96 19.02 -16.40
C GLU A 40 6.00 18.64 -17.55
N TYR A 41 5.59 17.37 -17.62
CA TYR A 41 4.68 16.98 -18.75
C TYR A 41 3.38 16.35 -18.29
N PRO A 42 2.46 17.15 -17.75
CA PRO A 42 1.36 16.51 -16.99
C PRO A 42 0.28 15.94 -17.90
N ASP A 43 0.42 16.16 -19.23
CA ASP A 43 -0.63 15.72 -20.19
C ASP A 43 -0.19 14.58 -21.10
N SER A 44 1.01 14.05 -20.95
CA SER A 44 1.50 13.08 -21.91
C SER A 44 1.46 11.63 -21.47
N PHE A 45 1.40 11.40 -20.18
CA PHE A 45 1.56 10.09 -19.65
C PHE A 45 0.41 9.66 -18.77
N GLY A 46 0.25 8.35 -18.66
CA GLY A 46 -0.72 7.76 -17.74
C GLY A 46 -0.27 6.41 -17.19
N PHE A 47 -0.88 6.04 -16.06
CA PHE A 47 -0.64 4.73 -15.42
C PHE A 47 -1.83 3.87 -15.79
N SER A 48 -1.59 2.58 -16.08
CA SER A 48 -2.69 1.71 -16.38
C SER A 48 -3.46 1.46 -15.10
N VAL A 49 -4.74 1.10 -15.22
CA VAL A 49 -5.67 1.03 -14.08
C VAL A 49 -5.93 -0.44 -13.79
N PRO A 50 -5.54 -0.96 -12.60
CA PRO A 50 -5.75 -2.40 -12.35
C PRO A 50 -7.22 -2.74 -12.22
N SER A 51 -7.55 -4.04 -12.28
CA SER A 51 -8.91 -4.52 -12.11
C SER A 51 -9.02 -5.26 -10.79
N THR A 52 -10.22 -5.22 -10.20
CA THR A 52 -10.48 -5.91 -8.96
C THR A 52 -11.92 -6.35 -8.78
N THR A 53 -12.12 -7.41 -8.01
CA THR A 53 -13.46 -7.86 -7.66
C THR A 53 -13.85 -7.33 -6.30
N ARG A 54 -13.01 -6.54 -5.67
CA ARG A 54 -13.54 -5.98 -4.47
C ARG A 54 -14.55 -4.88 -4.79
N THR A 55 -15.49 -4.72 -3.86
CA THR A 55 -16.60 -3.80 -3.99
C THR A 55 -16.05 -2.40 -3.84
N PRO A 56 -16.52 -1.48 -4.68
CA PRO A 56 -16.03 -0.11 -4.56
C PRO A 56 -16.47 0.54 -3.26
N ARG A 57 -15.50 1.07 -2.53
CA ARG A 57 -15.70 1.96 -1.41
C ARG A 57 -16.22 3.29 -1.98
N ALA A 58 -17.56 3.42 -2.04
CA ALA A 58 -18.34 4.66 -2.31
C ALA A 58 -17.72 5.98 -2.99
N GLY A 59 -16.54 6.44 -2.53
CA GLY A 59 -15.80 7.56 -3.21
C GLY A 59 -14.71 7.15 -4.24
N GLU A 60 -14.93 6.02 -4.95
CA GLU A 60 -13.94 5.48 -5.91
C GLU A 60 -14.57 5.41 -7.28
N VAL A 61 -13.78 5.69 -8.31
CA VAL A 61 -14.40 5.79 -9.61
C VAL A 61 -13.99 4.64 -10.50
N ASN A 62 -14.99 3.91 -10.99
CA ASN A 62 -14.73 2.89 -11.97
C ASN A 62 -14.01 3.47 -13.17
N GLY A 63 -12.85 2.92 -13.51
CA GLY A 63 -12.08 3.46 -14.62
C GLY A 63 -10.90 4.30 -14.20
N LYS A 64 -10.83 4.74 -12.94
CA LYS A 64 -9.76 5.61 -12.52
C LYS A 64 -8.94 5.01 -11.39
N ASP A 65 -9.61 4.49 -10.38
CA ASP A 65 -8.92 3.84 -9.30
C ASP A 65 -8.72 2.36 -9.65
N TYR A 66 -9.82 1.71 -10.00
CA TYR A 66 -9.85 0.35 -10.45
C TYR A 66 -10.89 0.27 -11.52
N ASN A 67 -10.74 -0.73 -12.38
CA ASN A 67 -11.83 -1.25 -13.13
C ASN A 67 -12.46 -2.28 -12.22
N PHE A 68 -13.64 -1.99 -11.72
CA PHE A 68 -14.34 -2.93 -10.86
C PHE A 68 -15.09 -3.96 -11.67
N VAL A 69 -14.85 -5.23 -11.34
CA VAL A 69 -15.56 -6.30 -12.00
C VAL A 69 -16.10 -7.26 -10.95
N SER A 70 -16.87 -8.24 -11.40
CA SER A 70 -17.39 -9.26 -10.53
C SER A 70 -16.47 -10.49 -10.59
N VAL A 71 -16.60 -11.37 -9.60
CA VAL A 71 -15.82 -12.58 -9.59
C VAL A 71 -15.95 -13.38 -10.89
N ASP A 72 -17.16 -13.43 -11.43
CA ASP A 72 -17.40 -14.25 -12.61
C ASP A 72 -16.75 -13.63 -13.85
N GLU A 73 -16.81 -12.29 -13.93
CA GLU A 73 -16.11 -11.56 -14.98
C GLU A 73 -14.61 -11.74 -14.83
N PHE A 74 -14.09 -11.66 -13.62
CA PHE A 74 -12.66 -11.78 -13.42
C PHE A 74 -12.19 -13.17 -13.80
N LYS A 75 -12.86 -14.19 -13.27
CA LYS A 75 -12.52 -15.59 -13.61
C LYS A 75 -12.56 -15.80 -15.14
N SER A 76 -13.58 -15.25 -15.76
CA SER A 76 -13.68 -15.43 -17.19
C SER A 76 -12.61 -14.60 -17.94
N MET A 77 -12.16 -13.49 -17.37
CA MET A 77 -11.03 -12.78 -17.95
C MET A 77 -9.70 -13.55 -17.78
N ILE A 78 -9.57 -14.24 -16.63
CA ILE A 78 -8.47 -15.17 -16.33
C ILE A 78 -8.40 -16.26 -17.40
N LYS A 79 -9.49 -17.01 -17.59
CA LYS A 79 -9.54 -18.08 -18.61
C LYS A 79 -9.27 -17.55 -20.01
N ASN A 80 -9.71 -16.32 -20.27
CA ASN A 80 -9.53 -15.75 -21.61
C ASN A 80 -8.17 -15.07 -21.79
N ASN A 81 -7.25 -15.29 -20.86
CA ASN A 81 -5.93 -14.70 -21.06
C ASN A 81 -5.83 -13.16 -21.09
N GLU A 82 -6.71 -12.46 -20.42
CA GLU A 82 -6.67 -11.00 -20.47
C GLU A 82 -5.62 -10.30 -19.59
N PHE A 83 -5.09 -11.02 -18.59
CA PHE A 83 -4.21 -10.39 -17.60
C PHE A 83 -2.76 -10.54 -17.95
N ILE A 84 -2.02 -9.43 -17.83
CA ILE A 84 -0.56 -9.45 -17.73
C ILE A 84 -0.20 -10.19 -16.44
N GLU A 85 -0.87 -9.87 -15.33
CA GLU A 85 -0.70 -10.56 -14.04
C GLU A 85 -1.94 -10.45 -13.21
N TRP A 86 -2.19 -11.40 -12.33
CA TRP A 86 -3.29 -11.28 -11.36
C TRP A 86 -2.98 -12.10 -10.09
N ALA A 87 -3.68 -11.79 -8.99
CA ALA A 87 -3.56 -12.57 -7.75
C ALA A 87 -4.68 -12.18 -6.82
N GLN A 88 -4.73 -12.86 -5.70
CA GLN A 88 -5.65 -12.58 -4.64
C GLN A 88 -4.94 -11.91 -3.50
N PHE A 89 -5.51 -10.81 -3.03
CA PHE A 89 -5.03 -10.07 -1.89
C PHE A 89 -6.27 -9.99 -0.98
N SER A 90 -6.16 -10.60 0.22
CA SER A 90 -7.31 -10.68 1.13
C SER A 90 -8.52 -11.33 0.45
N GLY A 91 -9.69 -10.79 0.59
CA GLY A 91 -10.73 -11.61 -0.08
C GLY A 91 -10.76 -11.67 -1.64
N ASN A 92 -9.94 -10.84 -2.30
CA ASN A 92 -10.34 -10.34 -3.60
C ASN A 92 -9.30 -10.52 -4.69
N TYR A 93 -9.78 -10.66 -5.92
CA TYR A 93 -8.92 -10.68 -7.10
C TYR A 93 -8.46 -9.27 -7.47
N TYR A 94 -7.18 -9.17 -7.83
CA TYR A 94 -6.64 -7.97 -8.53
C TYR A 94 -5.83 -8.42 -9.68
N GLY A 95 -5.76 -7.61 -10.72
CA GLY A 95 -4.86 -7.89 -11.84
C GLY A 95 -4.73 -6.68 -12.71
N SER A 96 -3.78 -6.77 -13.62
CA SER A 96 -3.50 -5.75 -14.59
C SER A 96 -3.80 -6.36 -15.95
N THR A 97 -4.75 -5.81 -16.70
CA THR A 97 -5.08 -6.37 -17.97
C THR A 97 -4.20 -5.78 -19.04
N VAL A 98 -3.92 -6.59 -20.07
CA VAL A 98 -3.40 -6.06 -21.31
C VAL A 98 -4.20 -4.84 -21.80
N ALA A 99 -5.51 -4.98 -21.94
CA ALA A 99 -6.40 -3.84 -22.35
C ALA A 99 -6.11 -2.55 -21.54
N SER A 100 -5.83 -2.68 -20.24
CA SER A 100 -5.72 -1.45 -19.43
C SER A 100 -4.45 -0.69 -19.80
N VAL A 101 -3.45 -1.39 -20.34
CA VAL A 101 -2.23 -0.72 -20.76
C VAL A 101 -2.48 -0.08 -22.12
N LYS A 102 -3.21 -0.76 -23.02
CA LYS A 102 -3.46 -0.22 -24.35
C LYS A 102 -4.44 0.96 -24.25
N GLN A 103 -5.23 0.98 -23.18
CA GLN A 103 -6.20 2.06 -22.90
C GLN A 103 -5.53 3.44 -22.88
N VAL A 104 -4.37 3.51 -22.25
CA VAL A 104 -3.72 4.82 -22.17
C VAL A 104 -3.34 5.31 -23.58
N SER A 105 -2.89 4.43 -24.45
CA SER A 105 -2.63 4.76 -25.88
C SER A 105 -3.88 5.22 -26.62
N LYS A 106 -5.02 4.57 -26.33
CA LYS A 106 -6.28 4.94 -27.01
C LYS A 106 -6.73 6.29 -26.55
N SER A 107 -6.24 6.73 -25.37
CA SER A 107 -6.63 8.04 -24.82
C SER A 107 -5.75 9.20 -25.29
N GLY A 108 -4.82 8.91 -26.18
CA GLY A 108 -3.86 9.92 -26.63
C GLY A 108 -2.63 10.13 -25.82
N LYS A 109 -2.32 9.17 -24.95
CA LYS A 109 -1.14 9.27 -24.05
C LYS A 109 -0.16 8.13 -24.20
N THR A 110 0.86 8.10 -23.34
CA THR A 110 1.81 6.99 -23.33
C THR A 110 1.79 6.33 -21.95
N CYS A 111 1.59 5.01 -21.91
CA CYS A 111 1.63 4.32 -20.66
C CYS A 111 3.05 4.19 -20.21
N ILE A 112 3.29 4.58 -18.94
CA ILE A 112 4.44 4.23 -18.14
C ILE A 112 4.08 3.13 -17.13
N LEU A 113 4.92 2.11 -17.10
CA LEU A 113 4.83 1.00 -16.18
C LEU A 113 6.05 1.03 -15.30
N ASP A 114 5.81 1.42 -14.06
CA ASP A 114 6.85 1.64 -13.07
C ASP A 114 6.98 0.32 -12.31
N ILE A 115 7.93 -0.54 -12.68
CA ILE A 115 7.98 -1.92 -12.16
C ILE A 115 9.41 -2.44 -11.98
N ASP A 116 9.58 -3.67 -11.51
CA ASP A 116 10.92 -4.17 -11.32
C ASP A 116 11.34 -5.21 -12.34
N MET A 117 12.52 -5.75 -12.17
CA MET A 117 13.00 -6.77 -13.12
C MET A 117 11.93 -7.85 -13.32
N GLN A 118 11.43 -8.37 -12.22
CA GLN A 118 10.45 -9.49 -12.30
C GLN A 118 9.28 -9.06 -13.21
N GLY A 119 8.82 -7.82 -13.07
CA GLY A 119 7.75 -7.26 -13.93
C GLY A 119 8.17 -7.10 -15.42
N VAL A 120 9.41 -6.66 -15.63
CA VAL A 120 10.01 -6.56 -16.93
C VAL A 120 9.94 -7.91 -17.61
N LYS A 121 10.27 -8.98 -16.88
CA LYS A 121 10.29 -10.31 -17.57
C LYS A 121 8.87 -10.73 -17.98
N SER A 122 7.92 -10.28 -17.21
CA SER A 122 6.60 -10.77 -17.31
C SER A 122 5.89 -9.97 -18.39
N VAL A 123 6.34 -8.71 -18.62
CA VAL A 123 5.89 -7.95 -19.82
C VAL A 123 6.60 -8.36 -21.14
N LYS A 124 7.89 -8.70 -21.11
CA LYS A 124 8.59 -9.26 -22.28
C LYS A 124 7.97 -10.53 -22.88
N ALA A 125 7.24 -11.29 -22.03
CA ALA A 125 6.46 -12.51 -22.34
C ALA A 125 5.04 -12.28 -22.90
N ILE A 126 4.62 -11.00 -22.98
CA ILE A 126 3.46 -10.58 -23.76
C ILE A 126 3.96 -9.73 -24.94
N PRO A 127 4.56 -10.39 -25.96
CA PRO A 127 5.26 -9.54 -26.94
C PRO A 127 4.36 -8.61 -27.76
N GLU A 128 3.05 -8.89 -27.81
CA GLU A 128 2.04 -7.95 -28.40
C GLU A 128 1.92 -6.55 -27.74
N LEU A 129 2.51 -6.36 -26.54
CA LEU A 129 2.44 -5.06 -25.92
C LEU A 129 3.36 -4.13 -26.67
N ASN A 130 4.39 -4.70 -27.28
CA ASN A 130 5.38 -3.94 -27.99
C ASN A 130 5.98 -2.82 -27.10
N ALA A 131 6.23 -3.18 -25.84
CA ALA A 131 6.77 -2.24 -24.86
C ALA A 131 8.21 -1.77 -25.18
N ARG A 132 8.60 -0.60 -24.72
CA ARG A 132 9.98 -0.17 -24.74
C ARG A 132 10.55 -0.34 -23.31
N PHE A 133 11.83 -0.61 -23.17
CA PHE A 133 12.38 -0.89 -21.85
C PHE A 133 13.53 0.03 -21.49
N LEU A 134 13.31 0.81 -20.45
CA LEU A 134 14.26 1.76 -19.98
C LEU A 134 14.68 1.28 -18.60
N PHE A 135 15.98 1.37 -18.33
CA PHE A 135 16.56 0.90 -17.09
C PHE A 135 17.37 2.03 -16.48
N ILE A 136 17.01 2.40 -15.25
CA ILE A 136 17.67 3.45 -14.49
C ILE A 136 18.68 2.78 -13.54
N ALA A 137 19.98 2.99 -13.78
CA ALA A 137 21.01 2.30 -13.03
C ALA A 137 21.81 3.20 -12.09
N PRO A 138 22.21 2.66 -10.93
CA PRO A 138 23.09 3.46 -10.10
C PRO A 138 24.52 3.42 -10.70
N PRO A 139 25.37 4.42 -10.41
CA PRO A 139 26.74 4.30 -10.98
C PRO A 139 27.42 3.01 -10.53
N SER A 140 27.08 2.47 -9.35
CA SER A 140 27.65 1.20 -8.90
C SER A 140 26.88 0.73 -7.67
N VAL A 141 27.03 -0.53 -7.28
CA VAL A 141 26.36 -0.97 -6.08
C VAL A 141 26.86 -0.15 -4.88
N GLU A 142 28.17 0.07 -4.80
CA GLU A 142 28.73 0.77 -3.65
C GLU A 142 28.27 2.23 -3.61
N ASP A 143 28.10 2.87 -4.76
CA ASP A 143 27.47 4.19 -4.77
C ASP A 143 26.03 4.21 -4.21
N LEU A 144 25.27 3.16 -4.51
CA LEU A 144 23.89 3.04 -4.07
C LEU A 144 23.86 2.87 -2.56
N LYS A 145 24.77 2.06 -2.03
CA LYS A 145 24.96 1.91 -0.60
C LYS A 145 25.13 3.29 0.06
N LYS A 146 26.07 4.09 -0.45
CA LYS A 146 26.30 5.45 0.06
C LYS A 146 25.08 6.35 -0.09
N ARG A 147 24.42 6.34 -1.25
CA ARG A 147 23.19 7.14 -1.39
C ARG A 147 22.13 6.87 -0.28
N LEU A 148 21.96 5.59 0.06
CA LEU A 148 20.87 5.14 0.93
C LEU A 148 21.25 5.39 2.37
N GLU A 149 22.52 5.14 2.68
CA GLU A 149 23.09 5.54 3.96
C GLU A 149 22.82 7.06 4.19
N GLY A 150 22.85 7.85 3.14
CA GLY A 150 22.70 9.29 3.27
C GLY A 150 21.31 9.74 3.67
N ARG A 151 20.30 8.93 3.31
CA ARG A 151 18.91 9.16 3.72
C ARG A 151 18.85 8.78 5.20
N GLY A 152 18.08 9.49 5.99
CA GLY A 152 18.22 9.11 7.40
C GLY A 152 17.32 8.00 7.91
N THR A 153 16.80 7.14 7.04
CA THR A 153 15.66 6.29 7.36
C THR A 153 15.90 4.78 7.23
N GLU A 154 16.96 4.43 6.52
CA GLU A 154 17.20 3.07 6.12
C GLU A 154 17.99 2.35 7.17
N THR A 155 17.67 1.10 7.38
CA THR A 155 18.42 0.26 8.31
C THR A 155 19.41 -0.58 7.49
N GLU A 156 20.27 -1.32 8.17
CA GLU A 156 21.15 -2.25 7.53
C GLU A 156 20.36 -3.29 6.75
N GLU A 157 19.26 -3.77 7.32
CA GLU A 157 18.43 -4.74 6.63
C GLU A 157 17.78 -4.15 5.37
N SER A 158 17.27 -2.93 5.44
CA SER A 158 16.55 -2.40 4.34
C SER A 158 17.51 -2.08 3.21
N ILE A 159 18.70 -1.58 3.53
CA ILE A 159 19.75 -1.35 2.52
C ILE A 159 20.21 -2.67 1.91
N ASN A 160 20.53 -3.65 2.75
CA ASN A 160 20.97 -4.94 2.23
C ASN A 160 19.98 -5.53 1.19
N LYS A 161 18.69 -5.48 1.48
CA LYS A 161 17.72 -6.06 0.58
C LYS A 161 17.84 -5.34 -0.75
N ARG A 162 18.01 -4.04 -0.72
CA ARG A 162 18.06 -3.34 -1.99
C ARG A 162 19.33 -3.64 -2.77
N LEU A 163 20.45 -3.76 -2.04
CA LEU A 163 21.78 -3.97 -2.65
C LEU A 163 21.79 -5.29 -3.41
N SER A 164 21.29 -6.34 -2.78
CA SER A 164 21.36 -7.58 -3.46
C SER A 164 20.35 -7.60 -4.64
N ALA A 165 19.24 -6.86 -4.54
CA ALA A 165 18.37 -6.78 -5.67
C ALA A 165 18.99 -5.95 -6.80
N ALA A 166 19.72 -4.91 -6.43
CA ALA A 166 20.51 -4.13 -7.38
C ALA A 166 21.45 -5.06 -8.13
N GLN A 167 22.08 -5.99 -7.41
CA GLN A 167 23.05 -6.86 -8.03
C GLN A 167 22.35 -7.67 -9.15
N ALA A 168 21.21 -8.30 -8.79
CA ALA A 168 20.41 -9.12 -9.70
C ALA A 168 19.97 -8.31 -10.93
N GLU A 169 19.49 -7.10 -10.71
CA GLU A 169 19.04 -6.28 -11.81
C GLU A 169 20.14 -5.77 -12.69
N LEU A 170 21.28 -5.36 -12.14
CA LEU A 170 22.43 -4.95 -12.99
C LEU A 170 22.88 -6.16 -13.86
N ALA A 171 22.93 -7.38 -13.32
CA ALA A 171 23.43 -8.49 -14.07
C ALA A 171 22.48 -8.79 -15.24
N TYR A 172 21.20 -8.66 -15.02
CA TYR A 172 20.25 -8.87 -16.10
C TYR A 172 20.33 -7.76 -17.18
N ALA A 173 20.46 -6.53 -16.74
CA ALA A 173 20.68 -5.44 -17.62
C ALA A 173 21.91 -5.66 -18.48
N GLU A 174 22.94 -6.27 -17.90
CA GLU A 174 24.21 -6.55 -18.60
C GLU A 174 23.97 -7.50 -19.78
N THR A 175 22.94 -8.32 -19.73
CA THR A 175 22.66 -9.21 -20.84
C THR A 175 21.99 -8.44 -22.02
N GLY A 176 21.81 -7.14 -21.92
CA GLY A 176 21.24 -6.39 -23.05
C GLY A 176 19.72 -6.41 -23.13
N ALA A 177 19.08 -6.79 -22.02
CA ALA A 177 17.62 -6.82 -21.97
C ALA A 177 16.87 -5.48 -22.23
N HIS A 178 17.49 -4.34 -21.98
CA HIS A 178 16.74 -3.07 -22.06
C HIS A 178 17.11 -2.37 -23.33
N ASP A 179 16.24 -1.47 -23.79
CA ASP A 179 16.49 -0.65 -24.97
C ASP A 179 17.45 0.46 -24.62
N LYS A 180 17.53 0.78 -23.32
CA LYS A 180 18.29 1.92 -22.86
C LYS A 180 18.56 1.84 -21.39
N VAL A 181 19.83 2.07 -21.08
CA VAL A 181 20.31 2.17 -19.71
C VAL A 181 20.72 3.59 -19.40
N ILE A 182 20.11 4.18 -18.38
CA ILE A 182 20.57 5.50 -17.94
C ILE A 182 21.17 5.33 -16.55
N VAL A 183 22.39 5.79 -16.38
CA VAL A 183 23.09 5.69 -15.10
C VAL A 183 22.78 6.98 -14.33
N ASN A 184 22.18 6.91 -13.16
CA ASN A 184 21.84 8.17 -12.49
C ASN A 184 22.92 8.65 -11.54
N ASP A 185 23.94 9.33 -12.05
CA ASP A 185 24.91 9.92 -11.11
C ASP A 185 24.90 11.41 -11.05
N ASP A 186 24.26 12.04 -12.01
CA ASP A 186 23.97 13.44 -11.88
C ASP A 186 22.53 13.53 -12.28
N LEU A 187 21.74 14.11 -11.39
CA LEU A 187 20.30 14.09 -11.57
C LEU A 187 19.88 14.81 -12.84
N ASP A 188 20.43 15.99 -13.06
CA ASP A 188 20.02 16.77 -14.21
C ASP A 188 20.42 16.11 -15.53
N LYS A 189 21.55 15.42 -15.55
CA LYS A 189 22.05 14.75 -16.77
C LYS A 189 21.19 13.50 -17.00
N ALA A 190 20.87 12.78 -15.91
CA ALA A 190 20.02 11.61 -16.01
C ALA A 190 18.67 12.01 -16.55
N TYR A 191 18.16 13.16 -16.10
CA TYR A 191 16.84 13.62 -16.48
C TYR A 191 16.77 13.99 -17.97
N LYS A 192 17.83 14.65 -18.45
CA LYS A 192 18.01 14.89 -19.87
C LYS A 192 18.07 13.61 -20.72
N GLU A 193 18.77 12.57 -20.29
CA GLU A 193 18.71 11.32 -21.11
C GLU A 193 17.31 10.67 -21.05
N LEU A 194 16.65 10.79 -19.90
CA LEU A 194 15.32 10.34 -19.76
C LEU A 194 14.44 11.00 -20.80
N LYS A 195 14.49 12.32 -20.89
CA LYS A 195 13.69 12.98 -21.90
C LYS A 195 14.07 12.60 -23.31
N ASP A 196 15.38 12.56 -23.61
CA ASP A 196 15.78 12.17 -24.97
C ASP A 196 15.22 10.82 -25.36
N PHE A 197 15.26 9.89 -24.40
CA PHE A 197 14.79 8.57 -24.66
C PHE A 197 13.27 8.54 -24.87
N ILE A 198 12.53 9.19 -23.98
CA ILE A 198 11.08 9.06 -24.04
C ILE A 198 10.50 9.74 -25.28
N PHE A 199 11.02 10.93 -25.63
CA PHE A 199 10.53 11.72 -26.81
C PHE A 199 11.23 11.41 -28.15
N ALA A 200 12.17 10.45 -28.16
CA ALA A 200 12.82 9.89 -29.39
C ALA A 200 11.77 9.39 -30.38
N ASP B 1 3.54 8.62 41.20
CA ASP B 1 5.03 8.51 41.42
C ASP B 1 5.53 7.04 41.21
N TYR B 2 4.74 6.13 40.66
CA TYR B 2 5.32 4.82 40.25
C TYR B 2 6.20 4.83 38.96
N ASP B 3 7.43 4.29 39.05
CA ASP B 3 8.25 3.93 37.88
C ASP B 3 8.62 5.14 37.00
N ILE B 4 8.90 6.24 37.68
CA ILE B 4 9.22 7.47 37.01
C ILE B 4 10.50 7.31 36.17
N PRO B 5 10.47 7.76 34.92
CA PRO B 5 11.74 7.70 34.19
C PRO B 5 12.79 8.56 34.88
N THR B 6 14.01 8.03 34.99
CA THR B 6 15.13 8.82 35.50
C THR B 6 16.33 8.51 34.63
N THR B 7 17.39 9.22 34.93
CA THR B 7 18.69 8.94 34.39
C THR B 7 19.13 7.44 34.57
N GLU B 8 18.66 6.81 35.66
CA GLU B 8 19.02 5.41 35.94
C GLU B 8 17.91 4.47 35.59
N ASN B 9 16.75 5.01 35.22
CA ASN B 9 15.60 4.22 34.87
C ASN B 9 15.07 4.72 33.51
N LEU B 10 15.84 4.46 32.47
CA LEU B 10 15.52 5.07 31.13
C LEU B 10 14.44 4.34 30.34
N TYR B 11 13.22 4.36 30.85
CA TYR B 11 12.13 3.58 30.26
C TYR B 11 10.86 4.42 30.36
N PHE B 12 10.04 4.30 29.33
CA PHE B 12 8.98 5.24 29.05
C PHE B 12 7.71 4.49 28.69
N GLN B 13 7.50 3.37 29.37
CA GLN B 13 6.21 2.68 29.35
C GLN B 13 5.26 3.28 30.40
N GLY B 14 4.81 4.51 30.19
CA GLY B 14 3.78 5.17 31.03
C GLY B 14 2.42 5.10 30.35
N SER B 15 1.57 6.12 30.55
CA SER B 15 0.29 6.22 29.83
C SER B 15 0.50 6.90 28.49
N MET B 16 -0.02 6.31 27.43
CA MET B 16 -0.03 7.10 26.19
C MET B 16 -1.44 7.32 25.73
N SER B 17 -1.51 8.00 24.60
CA SER B 17 -2.72 8.13 23.82
C SER B 17 -3.40 6.79 23.66
N ARG B 18 -4.70 6.74 23.84
CA ARG B 18 -5.40 5.52 23.51
C ARG B 18 -5.67 5.37 22.00
N PRO B 19 -5.25 4.24 21.41
CA PRO B 19 -5.58 4.04 20.02
C PRO B 19 -7.02 3.69 19.86
N ILE B 20 -7.56 3.94 18.66
CA ILE B 20 -8.96 3.75 18.44
C ILE B 20 -9.12 2.71 17.40
N VAL B 21 -9.74 1.60 17.80
CA VAL B 21 -10.12 0.52 16.89
C VAL B 21 -11.52 0.78 16.28
N ILE B 22 -11.62 0.78 14.95
CA ILE B 22 -12.88 1.05 14.25
C ILE B 22 -13.18 -0.15 13.38
N SER B 23 -14.37 -0.69 13.54
CA SER B 23 -14.74 -1.84 12.72
C SER B 23 -16.20 -1.73 12.39
N GLY B 24 -16.62 -2.68 11.57
CA GLY B 24 -17.97 -2.71 11.02
C GLY B 24 -17.90 -3.27 9.62
N PRO B 25 -18.96 -3.93 9.21
CA PRO B 25 -18.97 -4.52 7.88
C PRO B 25 -18.83 -3.46 6.81
N SER B 26 -18.40 -3.86 5.62
CA SER B 26 -18.30 -2.89 4.52
C SER B 26 -19.70 -2.55 3.98
N GLY B 27 -19.86 -1.38 3.39
CA GLY B 27 -21.11 -0.98 2.77
C GLY B 27 -21.99 -0.12 3.67
N THR B 28 -21.57 0.08 4.92
CA THR B 28 -22.29 0.89 5.91
C THR B 28 -22.06 2.41 5.82
N GLY B 29 -21.17 2.86 4.94
CA GLY B 29 -20.64 4.26 4.96
C GLY B 29 -19.37 4.52 5.77
N LYS B 30 -18.82 3.47 6.39
CA LYS B 30 -17.65 3.62 7.28
C LYS B 30 -16.48 4.38 6.58
N SER B 31 -16.15 4.01 5.34
CA SER B 31 -15.03 4.67 4.60
C SER B 31 -15.33 6.16 4.34
N THR B 32 -16.60 6.50 4.15
CA THR B 32 -17.01 7.90 3.97
C THR B 32 -16.83 8.70 5.28
N LEU B 33 -17.23 8.11 6.41
CA LEU B 33 -17.04 8.74 7.71
C LEU B 33 -15.55 8.97 8.04
N LEU B 34 -14.69 7.99 7.81
CA LEU B 34 -13.24 8.18 7.95
C LEU B 34 -12.65 9.15 6.97
N LYS B 35 -13.01 9.11 5.68
CA LYS B 35 -12.46 10.15 4.75
C LYS B 35 -12.80 11.51 5.32
N LYS B 36 -14.01 11.69 5.84
CA LYS B 36 -14.39 13.03 6.27
C LYS B 36 -13.54 13.39 7.47
N LEU B 37 -13.43 12.44 8.41
CA LEU B 37 -12.63 12.66 9.58
C LEU B 37 -11.20 13.09 9.23
N PHE B 38 -10.58 12.40 8.29
CA PHE B 38 -9.21 12.74 7.92
C PHE B 38 -9.14 13.99 7.08
N ALA B 39 -10.19 14.30 6.32
CA ALA B 39 -10.27 15.59 5.62
C ALA B 39 -10.34 16.77 6.56
N GLU B 40 -11.09 16.64 7.63
CA GLU B 40 -11.32 17.76 8.52
C GLU B 40 -10.19 17.94 9.51
N TYR B 41 -9.58 16.84 9.92
CA TYR B 41 -8.57 16.89 10.94
C TYR B 41 -7.35 16.14 10.40
N PRO B 42 -6.69 16.72 9.39
CA PRO B 42 -5.65 15.94 8.71
C PRO B 42 -4.32 15.86 9.49
N ASP B 43 -4.17 16.53 10.63
CA ASP B 43 -2.94 16.42 11.42
C ASP B 43 -3.11 15.66 12.74
N SER B 44 -4.20 14.92 12.88
CA SER B 44 -4.54 14.34 14.19
C SER B 44 -4.43 12.81 14.24
N PHE B 45 -4.54 12.16 13.09
CA PHE B 45 -4.62 10.75 13.06
C PHE B 45 -3.52 10.17 12.19
N GLY B 46 -3.20 8.92 12.48
CA GLY B 46 -2.19 8.24 11.73
C GLY B 46 -2.52 6.76 11.76
N PHE B 47 -1.90 6.02 10.85
CA PHE B 47 -2.03 4.60 10.74
C PHE B 47 -0.71 3.90 10.99
N SER B 48 -0.81 2.73 11.53
CA SER B 48 0.36 1.99 11.86
C SER B 48 1.10 1.67 10.55
N VAL B 49 2.43 1.85 10.58
CA VAL B 49 3.30 1.46 9.48
C VAL B 49 3.56 -0.07 9.51
N PRO B 50 3.12 -0.81 8.47
CA PRO B 50 3.25 -2.28 8.47
C PRO B 50 4.70 -2.75 8.31
N SER B 51 5.01 -3.98 8.72
CA SER B 51 6.31 -4.55 8.50
C SER B 51 6.22 -5.62 7.40
N THR B 52 7.36 -5.80 6.71
CA THR B 52 7.44 -6.75 5.67
C THR B 52 8.84 -7.29 5.43
N THR B 53 8.90 -8.50 4.90
CA THR B 53 10.17 -9.10 4.56
C THR B 53 10.45 -8.94 3.08
N ARG B 54 9.54 -8.33 2.35
CA ARG B 54 9.77 -8.22 0.91
C ARG B 54 10.77 -7.06 0.60
N THR B 55 11.34 -7.08 -0.59
CA THR B 55 12.22 -6.04 -1.05
C THR B 55 11.56 -4.64 -1.24
N PRO B 56 12.23 -3.55 -0.84
CA PRO B 56 11.65 -2.24 -1.08
C PRO B 56 11.46 -2.04 -2.56
N ARG B 57 10.44 -1.28 -2.92
CA ARG B 57 10.11 -0.93 -4.29
C ARG B 57 10.43 0.57 -4.53
N ALA B 58 10.34 0.99 -5.77
CA ALA B 58 10.73 2.37 -6.04
C ALA B 58 9.88 3.34 -5.25
N GLY B 59 10.54 4.29 -4.57
CA GLY B 59 9.88 5.40 -3.85
C GLY B 59 9.62 5.03 -2.40
N GLU B 60 9.91 3.78 -2.03
CA GLU B 60 9.52 3.34 -0.70
C GLU B 60 10.54 3.73 0.33
N VAL B 61 10.05 4.22 1.46
CA VAL B 61 10.90 4.66 2.58
C VAL B 61 10.69 3.78 3.79
N ASN B 62 11.79 3.23 4.30
CA ASN B 62 11.77 2.46 5.50
C ASN B 62 11.23 3.34 6.61
N GLY B 63 10.38 2.77 7.46
CA GLY B 63 9.84 3.50 8.62
C GLY B 63 8.63 4.30 8.23
N LYS B 64 8.35 4.43 6.94
CA LYS B 64 7.19 5.23 6.46
C LYS B 64 6.21 4.38 5.59
N ASP B 65 6.73 3.75 4.53
CA ASP B 65 5.92 2.80 3.81
C ASP B 65 5.88 1.45 4.47
N TYR B 66 7.04 0.94 4.89
CA TYR B 66 7.11 -0.34 5.51
C TYR B 66 8.24 -0.28 6.50
N ASN B 67 8.14 -1.09 7.56
CA ASN B 67 9.35 -1.39 8.29
C ASN B 67 9.82 -2.69 7.67
N PHE B 68 10.95 -2.61 6.99
CA PHE B 68 11.48 -3.72 6.23
C PHE B 68 12.42 -4.50 7.07
N VAL B 69 12.03 -5.71 7.44
CA VAL B 69 12.82 -6.55 8.33
C VAL B 69 13.12 -7.91 7.65
N SER B 70 14.09 -8.67 8.18
CA SER B 70 14.42 -9.98 7.66
C SER B 70 13.37 -11.00 8.05
N VAL B 71 13.43 -12.14 7.39
CA VAL B 71 12.55 -13.26 7.68
C VAL B 71 12.71 -13.72 9.12
N ASP B 72 13.96 -13.79 9.54
CA ASP B 72 14.27 -14.29 10.88
C ASP B 72 13.76 -13.38 11.95
N GLU B 73 13.91 -12.11 11.69
CA GLU B 73 13.40 -11.16 12.63
C GLU B 73 11.91 -11.32 12.71
N PHE B 74 11.27 -11.25 11.55
CA PHE B 74 9.84 -11.39 11.47
C PHE B 74 9.40 -12.66 12.22
N LYS B 75 10.08 -13.79 11.96
CA LYS B 75 9.71 -14.98 12.66
C LYS B 75 9.91 -14.84 14.17
N SER B 76 10.94 -14.13 14.62
CA SER B 76 11.08 -14.00 16.06
C SER B 76 9.95 -13.12 16.62
N MET B 77 9.55 -12.09 15.86
CA MET B 77 8.40 -11.28 16.31
C MET B 77 7.08 -12.01 16.38
N ILE B 78 6.89 -13.03 15.56
CA ILE B 78 5.61 -13.73 15.53
C ILE B 78 5.55 -14.55 16.80
N LYS B 79 6.61 -15.30 17.02
CA LYS B 79 6.81 -16.17 18.20
C LYS B 79 6.77 -15.41 19.52
N ASN B 80 7.29 -14.16 19.57
CA ASN B 80 7.20 -13.35 20.77
C ASN B 80 5.96 -12.48 20.81
N ASN B 81 4.93 -12.78 19.99
CA ASN B 81 3.64 -12.10 20.12
C ASN B 81 3.74 -10.60 19.86
N GLU B 82 4.61 -10.22 18.95
CA GLU B 82 4.79 -8.80 18.67
C GLU B 82 3.82 -8.21 17.62
N PHE B 83 3.06 -9.08 16.90
CA PHE B 83 2.13 -8.63 15.89
C PHE B 83 0.71 -8.59 16.39
N ILE B 84 -0.02 -7.53 16.07
CA ILE B 84 -1.48 -7.62 16.19
C ILE B 84 -2.02 -8.67 15.18
N GLU B 85 -1.74 -8.46 13.90
CA GLU B 85 -2.06 -9.42 12.88
C GLU B 85 -0.83 -9.54 11.94
N TRP B 86 -0.75 -10.69 11.27
CA TRP B 86 0.27 -10.94 10.24
C TRP B 86 -0.23 -11.92 9.18
N ALA B 87 0.41 -11.89 8.01
CA ALA B 87 0.07 -12.78 6.89
C ALA B 87 1.32 -13.18 6.19
N GLN B 88 1.21 -14.19 5.35
CA GLN B 88 2.27 -14.53 4.48
C GLN B 88 1.68 -14.84 3.12
N PHE B 89 2.23 -14.27 2.05
CA PHE B 89 1.83 -14.70 0.73
C PHE B 89 3.00 -14.50 -0.27
N SER B 90 3.13 -15.40 -1.27
CA SER B 90 4.22 -15.34 -2.26
C SER B 90 5.56 -15.31 -1.55
N GLY B 91 5.64 -16.01 -0.42
CA GLY B 91 6.88 -16.20 0.28
C GLY B 91 7.31 -15.01 1.12
N ASN B 92 6.47 -13.97 1.22
CA ASN B 92 6.84 -12.75 1.91
C ASN B 92 5.91 -12.59 3.11
N TYR B 93 6.46 -12.16 4.26
CA TYR B 93 5.65 -11.85 5.44
C TYR B 93 5.22 -10.42 5.51
N TYR B 94 4.01 -10.20 6.02
CA TYR B 94 3.54 -8.84 6.29
C TYR B 94 2.77 -8.76 7.65
N GLY B 95 2.83 -7.62 8.32
CA GLY B 95 2.17 -7.55 9.59
C GLY B 95 2.10 -6.22 10.23
N SER B 96 1.28 -6.15 11.28
CA SER B 96 1.22 -4.92 12.08
C SER B 96 1.69 -5.13 13.53
N THR B 97 2.75 -4.45 13.95
CA THR B 97 3.22 -4.70 15.28
C THR B 97 2.50 -3.79 16.28
N VAL B 98 2.34 -4.34 17.47
CA VAL B 98 2.00 -3.56 18.62
C VAL B 98 2.83 -2.31 18.67
N ALA B 99 4.16 -2.43 18.46
CA ALA B 99 5.01 -1.27 18.59
C ALA B 99 4.68 -0.21 17.55
N SER B 100 4.30 -0.64 16.33
CA SER B 100 4.08 0.34 15.24
C SER B 100 2.84 1.19 15.60
N VAL B 101 1.92 0.58 16.33
CA VAL B 101 0.79 1.30 16.79
C VAL B 101 1.20 2.35 17.83
N LYS B 102 2.10 2.00 18.75
CA LYS B 102 2.53 2.97 19.73
C LYS B 102 3.37 4.05 19.05
N GLN B 103 4.05 3.67 17.99
CA GLN B 103 4.91 4.60 17.22
C GLN B 103 4.10 5.76 16.67
N VAL B 104 2.88 5.51 16.29
CA VAL B 104 2.06 6.57 15.74
C VAL B 104 1.88 7.69 16.83
N SER B 105 1.52 7.29 18.05
CA SER B 105 1.23 8.19 19.19
C SER B 105 2.48 8.96 19.55
N LYS B 106 3.64 8.52 19.09
CA LYS B 106 4.86 9.17 19.50
C LYS B 106 5.03 10.52 18.85
N SER B 107 4.43 10.67 17.68
CA SER B 107 4.44 11.99 16.97
C SER B 107 3.37 12.90 17.52
N GLY B 108 2.49 12.36 18.36
CA GLY B 108 1.41 13.16 18.95
C GLY B 108 0.06 12.92 18.29
N LYS B 109 0.02 12.01 17.35
CA LYS B 109 -1.23 11.68 16.72
C LYS B 109 -1.92 10.54 17.41
N THR B 110 -3.20 10.39 17.17
CA THR B 110 -3.92 9.22 17.64
C THR B 110 -3.97 8.17 16.56
N CYS B 111 -3.55 6.94 16.90
CA CYS B 111 -3.66 5.82 15.96
C CYS B 111 -5.09 5.35 15.74
N ILE B 112 -5.47 5.18 14.48
CA ILE B 112 -6.72 4.56 14.11
C ILE B 112 -6.36 3.20 13.52
N LEU B 113 -7.00 2.16 14.02
CA LEU B 113 -6.90 0.85 13.46
C LEU B 113 -8.27 0.49 12.85
N ASP B 114 -8.36 0.53 11.53
CA ASP B 114 -9.59 0.18 10.80
C ASP B 114 -9.51 -1.34 10.48
N ILE B 115 -10.00 -2.20 11.36
CA ILE B 115 -9.73 -3.63 11.24
C ILE B 115 -11.03 -4.39 11.39
N ASP B 116 -10.99 -5.68 11.10
CA ASP B 116 -12.19 -6.50 11.17
C ASP B 116 -12.30 -7.17 12.54
N MET B 117 -13.28 -8.04 12.67
CA MET B 117 -13.61 -8.67 13.95
C MET B 117 -12.44 -9.47 14.54
N GLN B 118 -11.79 -10.28 13.72
CA GLN B 118 -10.62 -11.04 14.18
C GLN B 118 -9.59 -10.02 14.72
N GLY B 119 -9.45 -8.91 13.98
CA GLY B 119 -8.61 -7.79 14.42
C GLY B 119 -8.98 -7.22 15.79
N VAL B 120 -10.28 -7.02 16.03
CA VAL B 120 -10.78 -6.52 17.30
C VAL B 120 -10.45 -7.47 18.41
N LYS B 121 -10.80 -8.75 18.21
CA LYS B 121 -10.46 -9.81 19.17
C LYS B 121 -8.99 -9.87 19.49
N SER B 122 -8.11 -9.72 18.48
CA SER B 122 -6.65 -9.71 18.81
C SER B 122 -6.23 -8.53 19.65
N VAL B 123 -6.76 -7.36 19.33
CA VAL B 123 -6.35 -6.19 20.05
C VAL B 123 -6.76 -6.34 21.48
N LYS B 124 -7.96 -6.91 21.70
CA LYS B 124 -8.45 -7.26 23.04
C LYS B 124 -7.53 -8.16 23.89
N ALA B 125 -6.86 -9.10 23.22
CA ALA B 125 -5.92 -10.02 23.89
C ALA B 125 -4.56 -9.38 24.19
N ILE B 126 -4.40 -8.10 23.87
CA ILE B 126 -3.13 -7.43 24.10
C ILE B 126 -3.24 -6.31 25.16
N PRO B 127 -2.83 -6.62 26.41
CA PRO B 127 -3.09 -5.67 27.52
C PRO B 127 -2.30 -4.36 27.37
N GLU B 128 -1.10 -4.44 26.80
CA GLU B 128 -0.31 -3.22 26.57
C GLU B 128 -0.94 -2.19 25.62
N LEU B 129 -1.97 -2.55 24.88
CA LEU B 129 -2.53 -1.53 24.01
C LEU B 129 -3.49 -0.51 24.66
N ASN B 130 -4.56 -1.00 25.24
CA ASN B 130 -5.52 -0.08 25.85
C ASN B 130 -6.41 0.71 24.89
N ALA B 131 -6.90 -0.01 23.89
CA ALA B 131 -7.66 0.59 22.81
C ALA B 131 -9.09 0.95 23.26
N ARG B 132 -9.68 1.90 22.55
CA ARG B 132 -11.12 2.12 22.58
C ARG B 132 -11.73 1.45 21.35
N PHE B 133 -12.96 0.98 21.42
CA PHE B 133 -13.52 0.22 20.32
C PHE B 133 -14.78 0.84 19.77
N LEU B 134 -14.79 1.18 18.48
CA LEU B 134 -15.96 1.77 17.85
C LEU B 134 -16.44 0.89 16.74
N PHE B 135 -17.74 0.61 16.73
CA PHE B 135 -18.33 -0.23 15.71
C PHE B 135 -19.29 0.63 14.90
N ILE B 136 -19.18 0.57 13.57
CA ILE B 136 -20.07 1.29 12.65
C ILE B 136 -21.07 0.32 12.01
N ALA B 137 -22.36 0.46 12.40
CA ALA B 137 -23.46 -0.44 11.98
C ALA B 137 -24.32 0.03 10.79
N PRO B 138 -24.83 -0.93 10.00
CA PRO B 138 -25.91 -0.51 9.08
C PRO B 138 -27.22 -0.35 9.88
N PRO B 139 -28.24 0.35 9.31
CA PRO B 139 -29.52 0.49 10.08
C PRO B 139 -30.21 -0.87 10.28
N SER B 140 -29.91 -1.81 9.39
CA SER B 140 -30.42 -3.17 9.38
C SER B 140 -29.63 -3.95 8.35
N VAL B 141 -29.45 -5.24 8.60
CA VAL B 141 -28.90 -6.20 7.60
C VAL B 141 -29.58 -6.02 6.23
N GLU B 142 -30.92 -6.08 6.25
CA GLU B 142 -31.79 -5.82 5.11
C GLU B 142 -31.26 -4.63 4.29
N ASP B 143 -31.13 -3.47 4.96
CA ASP B 143 -30.57 -2.26 4.36
C ASP B 143 -29.30 -2.53 3.55
N LEU B 144 -28.42 -3.36 4.10
CA LEU B 144 -27.09 -3.63 3.53
C LEU B 144 -27.06 -4.29 2.12
N LYS B 145 -28.17 -4.87 1.68
CA LYS B 145 -28.24 -5.51 0.35
C LYS B 145 -28.21 -4.54 -0.85
N LYS B 146 -27.14 -4.64 -1.68
CA LYS B 146 -27.17 -4.13 -3.09
C LYS B 146 -26.42 -5.02 -4.08
N LYS B 161 -24.64 -12.76 0.59
CA LYS B 161 -23.91 -14.00 0.39
C LYS B 161 -22.81 -14.02 1.44
N ARG B 162 -21.69 -13.39 1.14
CA ARG B 162 -20.83 -12.79 2.18
C ARG B 162 -21.60 -11.63 2.90
N LEU B 163 -22.86 -11.89 3.19
CA LEU B 163 -23.70 -11.04 4.04
C LEU B 163 -23.74 -11.71 5.41
N SER B 164 -23.11 -12.89 5.50
CA SER B 164 -22.98 -13.66 6.74
C SER B 164 -21.77 -13.16 7.50
N ALA B 165 -20.72 -12.79 6.75
CA ALA B 165 -19.60 -12.03 7.31
C ALA B 165 -20.14 -10.88 8.15
N ALA B 166 -21.03 -10.09 7.54
CA ALA B 166 -21.68 -8.96 8.20
C ALA B 166 -22.51 -9.35 9.43
N GLN B 167 -23.19 -10.49 9.35
CA GLN B 167 -24.12 -10.98 10.40
C GLN B 167 -23.42 -11.32 11.69
N ALA B 168 -22.25 -11.93 11.56
CA ALA B 168 -21.44 -12.37 12.69
C ALA B 168 -20.73 -11.21 13.40
N GLU B 169 -20.35 -10.18 12.61
CA GLU B 169 -19.83 -8.92 13.16
C GLU B 169 -20.96 -8.25 13.91
N LEU B 170 -22.14 -8.28 13.31
CA LEU B 170 -23.33 -7.71 13.93
C LEU B 170 -23.68 -8.42 15.26
N ALA B 171 -23.47 -9.74 15.30
CA ALA B 171 -23.74 -10.54 16.49
C ALA B 171 -22.66 -10.37 17.55
N TYR B 172 -21.41 -10.22 17.11
CA TYR B 172 -20.31 -9.95 18.04
C TYR B 172 -20.51 -8.63 18.79
N ALA B 173 -21.05 -7.65 18.07
CA ALA B 173 -21.36 -6.36 18.61
C ALA B 173 -22.45 -6.38 19.68
N GLU B 174 -23.41 -7.30 19.54
CA GLU B 174 -24.52 -7.53 20.52
C GLU B 174 -24.08 -7.90 21.94
N THR B 175 -22.96 -8.60 22.02
CA THR B 175 -22.37 -8.98 23.29
C THR B 175 -21.73 -7.80 24.08
N GLY B 176 -21.89 -6.57 23.56
CA GLY B 176 -21.25 -5.38 24.18
C GLY B 176 -19.70 -5.32 24.11
N ALA B 177 -19.11 -5.88 23.06
CA ALA B 177 -17.65 -5.80 22.81
C ALA B 177 -17.11 -4.35 22.64
N HIS B 178 -17.83 -3.55 21.87
CA HIS B 178 -17.39 -2.18 21.57
C HIS B 178 -17.79 -1.19 22.64
N ASP B 179 -17.04 -0.12 22.74
CA ASP B 179 -17.34 0.96 23.65
C ASP B 179 -18.51 1.77 23.08
N LYS B 180 -18.70 1.76 21.75
CA LYS B 180 -19.77 2.57 21.13
C LYS B 180 -20.18 1.96 19.83
N VAL B 181 -21.49 1.87 19.60
CA VAL B 181 -21.96 1.47 18.29
C VAL B 181 -22.60 2.71 17.68
N ILE B 182 -22.28 2.98 16.41
CA ILE B 182 -22.94 4.06 15.71
C ILE B 182 -23.67 3.39 14.58
N VAL B 183 -24.99 3.61 14.53
CA VAL B 183 -25.83 3.09 13.48
C VAL B 183 -25.84 4.20 12.45
N ASN B 184 -25.45 3.92 11.22
CA ASN B 184 -25.45 4.99 10.24
C ASN B 184 -26.74 5.02 9.39
N ASP B 185 -27.81 5.59 9.93
CA ASP B 185 -28.97 5.79 9.06
C ASP B 185 -29.00 7.22 8.52
N ASP B 186 -28.22 8.11 9.11
CA ASP B 186 -28.07 9.46 8.62
C ASP B 186 -26.57 9.82 8.68
N LEU B 187 -26.00 10.21 7.54
CA LEU B 187 -24.56 10.44 7.46
C LEU B 187 -24.04 11.58 8.35
N ASP B 188 -24.78 12.68 8.48
CA ASP B 188 -24.29 13.80 9.27
C ASP B 188 -24.27 13.52 10.74
N LYS B 189 -25.33 12.88 11.25
CA LYS B 189 -25.41 12.53 12.67
C LYS B 189 -24.43 11.40 13.05
N ALA B 190 -24.32 10.41 12.18
CA ALA B 190 -23.32 9.38 12.34
C ALA B 190 -21.95 10.05 12.53
N TYR B 191 -21.67 11.05 11.72
CA TYR B 191 -20.37 11.66 11.73
C TYR B 191 -20.13 12.47 12.98
N LYS B 192 -21.17 13.20 13.43
CA LYS B 192 -20.99 13.93 14.71
C LYS B 192 -20.86 12.96 15.90
N GLU B 193 -21.43 11.78 15.81
CA GLU B 193 -21.25 10.80 16.89
C GLU B 193 -19.84 10.24 16.82
N LEU B 194 -19.30 10.07 15.61
CA LEU B 194 -17.90 9.69 15.47
C LEU B 194 -16.97 10.73 16.13
N LYS B 195 -17.11 12.00 15.76
CA LYS B 195 -16.38 13.09 16.45
C LYS B 195 -16.57 13.04 17.97
N ASP B 196 -17.80 13.03 18.47
CA ASP B 196 -18.00 13.02 19.93
C ASP B 196 -17.31 11.85 20.61
N PHE B 197 -17.30 10.71 19.93
CA PHE B 197 -16.63 9.58 20.52
C PHE B 197 -15.11 9.74 20.49
N ILE B 198 -14.58 10.03 19.33
CA ILE B 198 -13.14 10.14 19.19
C ILE B 198 -12.58 11.22 20.09
N PHE B 199 -13.29 12.35 20.25
CA PHE B 199 -12.73 13.47 21.03
C PHE B 199 -13.17 13.52 22.53
N ALA B 200 -13.93 12.52 23.01
CA ALA B 200 -14.25 12.42 24.45
C ALA B 200 -13.02 12.24 25.35
S SO4 C . 13.94 5.31 -5.62
O1 SO4 C . 13.08 6.23 -4.93
O2 SO4 C . 13.55 5.32 -7.02
O3 SO4 C . 15.24 5.82 -5.34
O4 SO4 C . 13.73 3.96 -5.13
S SO4 D . -17.93 1.33 3.07
O1 SO4 D . -17.27 1.45 4.38
O2 SO4 D . -19.33 1.74 3.01
O3 SO4 D . -17.37 2.25 2.08
O4 SO4 D . -17.66 -0.07 2.74
S SO4 E . -14.86 -6.39 0.35
O1 SO4 E . -14.04 -7.58 0.64
O2 SO4 E . -16.11 -6.45 1.12
O3 SO4 E . -14.05 -5.25 0.78
O4 SO4 E . -15.25 -6.31 -1.07
S SO4 F . 15.54 -12.20 4.44
O1 SO4 F . 14.34 -11.38 4.66
O2 SO4 F . 15.46 -12.89 3.16
O3 SO4 F . 16.72 -11.33 4.50
O4 SO4 F . 15.62 -13.22 5.48
S SO4 G . 0.51 -18.14 -1.11
O1 SO4 G . 1.34 -18.19 0.12
O2 SO4 G . -0.74 -17.47 -0.70
O3 SO4 G . 1.15 -17.47 -2.23
O4 SO4 G . 0.20 -19.50 -1.51
#